data_3CXG
#
_entry.id   3CXG
#
_cell.length_a   97.455
_cell.length_b   97.455
_cell.length_c   97.455
_cell.angle_alpha   90.000
_cell.angle_beta   90.000
_cell.angle_gamma   90.000
#
_symmetry.space_group_name_H-M   'P 2 3'
#
loop_
_entity.id
_entity.type
_entity.pdbx_description
1 polymer 'Putative thioredoxin'
2 non-polymer GLYCEROL
3 non-polymer 'SULFATE ION'
4 water water
#
_entity_poly.entity_id   1
_entity_poly.type   'polypeptide(L)'
_entity_poly.pdbx_seq_one_letter_code
;MHHHHHHSSGRENLYFQGQSIYIELKNTGSLNQVFSSTQNSSIVIKFGAVWCKPCNKIKEYFKNQLNYYYVTLVDIDVDI
HPKLNDQHNIKALPTFEFYFNLNNEWVLVHTVEGANQNDIEKAFQKYCLEKAK
;
_entity_poly.pdbx_strand_id   A,B
#
# COMPACT_ATOMS: atom_id res chain seq x y z
N SER A 9 7.73 2.55 -12.75
CA SER A 9 7.01 1.27 -12.89
C SER A 9 7.59 0.30 -11.87
N GLY A 10 6.75 -0.27 -11.00
CA GLY A 10 7.24 -1.22 -10.00
C GLY A 10 6.13 -1.96 -9.28
N ARG A 11 6.46 -3.03 -8.55
CA ARG A 11 5.54 -3.90 -7.82
C ARG A 11 6.01 -3.88 -6.36
N GLU A 12 5.09 -3.85 -5.39
CA GLU A 12 5.43 -4.18 -3.99
C GLU A 12 4.44 -5.17 -3.41
N ASN A 13 4.88 -5.97 -2.46
CA ASN A 13 4.01 -6.95 -1.79
C ASN A 13 3.80 -6.50 -0.34
N LEU A 14 2.56 -6.24 0.01
CA LEU A 14 2.25 -5.76 1.36
C LEU A 14 1.63 -6.92 2.11
N TYR A 15 2.01 -7.03 3.38
N TYR A 15 2.02 -7.09 3.36
CA TYR A 15 1.56 -8.07 4.29
CA TYR A 15 1.39 -8.08 4.22
C TYR A 15 0.87 -7.27 5.40
C TYR A 15 0.84 -7.28 5.37
N PHE A 16 -0.41 -7.60 5.68
CA PHE A 16 -1.26 -6.84 6.56
C PHE A 16 -1.62 -7.74 7.76
N GLN A 17 -1.58 -7.16 8.95
CA GLN A 17 -2.17 -7.77 10.12
C GLN A 17 -3.02 -6.61 10.74
N GLY A 18 -4.30 -6.59 10.45
CA GLY A 18 -5.15 -5.44 10.79
C GLY A 18 -4.67 -4.32 9.88
N GLN A 19 -4.41 -3.16 10.49
CA GLN A 19 -3.78 -2.02 9.81
C GLN A 19 -2.25 -1.95 9.86
N SER A 20 -1.61 -2.87 10.59
CA SER A 20 -0.18 -2.96 10.52
C SER A 20 0.29 -3.61 9.21
N ILE A 21 1.43 -3.19 8.74
CA ILE A 21 1.95 -3.54 7.40
C ILE A 21 3.40 -3.92 7.45
N TYR A 22 3.80 -4.99 6.74
CA TYR A 22 5.18 -5.28 6.57
C TYR A 22 5.48 -5.32 5.05
N ILE A 23 6.59 -4.71 4.65
CA ILE A 23 7.04 -4.69 3.24
CA ILE A 23 7.02 -4.82 3.24
C ILE A 23 8.54 -4.97 3.12
N GLU A 24 8.92 -5.84 2.22
CA GLU A 24 10.30 -6.07 1.97
C GLU A 24 10.48 -5.29 0.66
N LEU A 25 11.18 -4.16 0.76
CA LEU A 25 11.13 -3.13 -0.31
C LEU A 25 11.80 -3.61 -1.62
N LYS A 26 11.10 -3.52 -2.75
CA LYS A 26 11.69 -3.93 -4.03
C LYS A 26 12.29 -2.82 -4.77
N ASN A 27 11.61 -1.69 -4.74
CA ASN A 27 12.00 -0.52 -5.50
C ASN A 27 12.29 0.65 -4.54
N THR A 28 13.47 1.21 -4.69
CA THR A 28 13.85 2.36 -3.86
C THR A 28 12.81 3.46 -3.88
N GLY A 29 12.26 3.76 -5.06
CA GLY A 29 11.22 4.81 -5.19
C GLY A 29 9.92 4.56 -4.42
N SER A 30 9.60 3.30 -4.08
CA SER A 30 8.35 2.97 -3.33
C SER A 30 8.42 3.48 -1.86
N LEU A 31 9.62 3.65 -1.29
CA LEU A 31 9.76 4.21 0.08
C LEU A 31 9.05 5.59 0.34
N ASN A 32 9.29 6.52 -0.57
CA ASN A 32 8.57 7.81 -0.58
C ASN A 32 7.07 7.55 -0.60
N GLN A 33 6.63 6.55 -1.34
CA GLN A 33 5.20 6.27 -1.44
C GLN A 33 4.60 5.66 -0.14
N VAL A 34 5.38 4.82 0.56
CA VAL A 34 4.98 4.23 1.88
C VAL A 34 4.72 5.38 2.90
N PHE A 35 5.60 6.38 2.82
CA PHE A 35 5.54 7.52 3.74
C PHE A 35 4.39 8.46 3.39
N SER A 36 3.84 8.30 2.20
CA SER A 36 2.73 9.12 1.67
CA SER A 36 2.76 9.18 1.75
C SER A 36 1.40 8.77 2.30
N SER A 37 1.36 7.66 3.05
CA SER A 37 0.24 7.33 3.99
C SER A 37 0.52 7.88 5.42
N GLN A 39 -1.59 6.60 8.06
CA GLN A 39 -2.59 5.80 8.75
C GLN A 39 -1.91 5.04 9.90
N ASN A 40 -0.64 4.72 9.72
CA ASN A 40 0.16 4.34 10.86
C ASN A 40 1.05 5.50 11.21
N SER A 41 0.96 5.97 12.46
CA SER A 41 1.84 7.06 12.92
C SER A 41 3.31 6.61 12.98
N SER A 42 3.54 5.32 13.20
CA SER A 42 4.88 4.76 13.40
C SER A 42 5.26 4.00 12.12
N ILE A 43 6.38 4.38 11.51
CA ILE A 43 7.03 3.54 10.48
C ILE A 43 8.37 3.20 11.07
N VAL A 44 8.74 1.90 11.02
CA VAL A 44 10.12 1.41 11.44
C VAL A 44 10.81 0.75 10.22
N ILE A 45 12.04 1.23 9.90
CA ILE A 45 12.79 0.72 8.76
C ILE A 45 13.91 -0.10 9.37
N LYS A 46 14.09 -1.31 8.84
CA LYS A 46 15.25 -2.09 9.20
C LYS A 46 16.12 -2.16 7.95
N PHE A 47 17.37 -1.72 8.11
CA PHE A 47 18.43 -1.88 7.07
C PHE A 47 19.26 -3.16 7.38
N GLY A 48 19.34 -4.08 6.41
CA GLY A 48 20.17 -5.30 6.64
C GLY A 48 20.70 -5.86 5.32
N ALA A 49 21.26 -7.05 5.36
CA ALA A 49 21.81 -7.66 4.15
C ALA A 49 21.73 -9.17 4.32
N VAL A 50 21.57 -9.86 3.17
CA VAL A 50 21.41 -11.32 3.02
C VAL A 50 22.59 -12.07 3.73
N TRP A 51 23.81 -11.56 3.56
CA TRP A 51 25.05 -12.28 4.01
C TRP A 51 25.30 -11.97 5.51
N CYS A 52 24.56 -10.99 6.05
CA CYS A 52 24.76 -10.46 7.39
C CYS A 52 24.12 -11.36 8.45
N LYS A 53 24.96 -11.93 9.31
CA LYS A 53 24.47 -12.89 10.31
C LYS A 53 23.50 -12.26 11.37
N PRO A 54 23.91 -11.14 12.07
CA PRO A 54 22.96 -10.54 12.99
C PRO A 54 21.66 -9.96 12.31
N CYS A 55 21.73 -9.54 11.03
CA CYS A 55 20.51 -9.10 10.30
C CYS A 55 19.52 -10.28 10.17
N ASN A 56 20.04 -11.45 9.88
CA ASN A 56 19.18 -12.63 9.76
C ASN A 56 18.66 -13.08 11.14
N LYS A 57 19.51 -12.95 12.18
CA LYS A 57 19.06 -13.37 13.50
C LYS A 57 17.79 -12.70 14.00
N ILE A 58 17.53 -11.44 13.58
CA ILE A 58 16.36 -10.69 14.04
C ILE A 58 15.32 -10.49 12.96
N LYS A 59 15.52 -11.08 11.77
CA LYS A 59 14.63 -10.81 10.65
C LYS A 59 13.20 -11.25 10.97
N GLU A 60 12.99 -12.45 11.60
CA GLU A 60 11.65 -12.95 11.88
C GLU A 60 11.05 -12.13 13.04
N TYR A 61 11.84 -11.91 14.09
CA TYR A 61 11.42 -10.98 15.14
C TYR A 61 10.87 -9.63 14.58
N PHE A 62 11.59 -8.99 13.65
CA PHE A 62 11.15 -7.72 13.06
C PHE A 62 9.82 -7.82 12.31
N LYS A 63 9.68 -8.84 11.43
CA LYS A 63 8.45 -8.95 10.65
C LYS A 63 7.28 -9.31 11.60
N ASN A 64 7.52 -10.03 12.69
CA ASN A 64 6.42 -10.42 13.56
C ASN A 64 5.88 -9.26 14.44
N GLN A 65 6.47 -8.07 14.27
CA GLN A 65 6.11 -6.90 15.12
C GLN A 65 4.73 -6.36 14.73
N LEU A 66 4.29 -6.72 13.52
CA LEU A 66 2.96 -6.46 13.03
C LEU A 66 1.84 -6.96 13.96
N ASN A 67 2.06 -8.13 14.60
CA ASN A 67 1.11 -8.74 15.55
C ASN A 67 0.96 -7.98 16.85
N TYR A 68 2.00 -7.19 17.18
CA TYR A 68 2.13 -6.55 18.49
C TYR A 68 2.00 -5.04 18.50
N TYR A 69 2.21 -4.40 17.35
CA TYR A 69 2.26 -2.94 17.25
C TYR A 69 1.40 -2.52 16.07
N TYR A 70 0.80 -1.33 16.19
CA TYR A 70 0.31 -0.58 15.06
C TYR A 70 1.54 0.05 14.48
N VAL A 71 1.95 -0.44 13.33
CA VAL A 71 3.18 -0.03 12.71
C VAL A 71 3.17 -0.43 11.25
N THR A 72 3.86 0.35 10.44
CA THR A 72 4.26 -0.04 9.07
C THR A 72 5.76 -0.34 9.10
N LEU A 73 6.09 -1.61 8.83
CA LEU A 73 7.48 -2.09 8.89
C LEU A 73 8.06 -2.18 7.46
N VAL A 74 9.20 -1.55 7.24
CA VAL A 74 9.92 -1.64 5.94
C VAL A 74 11.27 -2.33 6.11
N ASP A 75 11.44 -3.40 5.34
CA ASP A 75 12.67 -4.12 5.28
C ASP A 75 13.48 -3.67 4.08
N ILE A 76 14.70 -3.21 4.31
CA ILE A 76 15.57 -2.71 3.24
C ILE A 76 16.87 -3.49 3.14
N ASP A 77 17.04 -4.26 2.04
CA ASP A 77 18.36 -4.83 1.72
C ASP A 77 19.28 -3.71 1.18
N VAL A 78 20.34 -3.41 1.91
CA VAL A 78 21.22 -2.29 1.57
C VAL A 78 21.97 -2.53 0.26
N ASP A 79 22.08 -3.81 -0.15
CA ASP A 79 22.75 -4.21 -1.41
C ASP A 79 21.81 -4.09 -2.60
N ILE A 80 20.50 -4.14 -2.35
CA ILE A 80 19.49 -3.74 -3.38
C ILE A 80 19.28 -2.22 -3.43
N HIS A 81 19.37 -1.56 -2.30
CA HIS A 81 19.08 -0.09 -2.23
C HIS A 81 20.30 0.71 -1.68
N PRO A 82 21.44 0.67 -2.39
CA PRO A 82 22.64 1.29 -1.85
C PRO A 82 22.42 2.81 -1.71
N LYS A 83 21.60 3.42 -2.57
CA LYS A 83 21.32 4.85 -2.45
C LYS A 83 20.67 5.19 -1.13
N LEU A 84 19.72 4.35 -0.68
CA LEU A 84 19.08 4.58 0.58
C LEU A 84 20.03 4.32 1.71
N ASN A 85 20.79 3.24 1.62
CA ASN A 85 21.94 3.06 2.57
C ASN A 85 22.79 4.34 2.76
N ASP A 86 23.23 4.96 1.68
CA ASP A 86 24.14 6.09 1.75
C ASP A 86 23.39 7.36 2.24
N GLN A 87 22.17 7.59 1.74
CA GLN A 87 21.33 8.72 2.14
C GLN A 87 21.00 8.69 3.60
N HIS A 88 20.74 7.50 4.17
CA HIS A 88 20.39 7.36 5.62
C HIS A 88 21.64 7.18 6.51
N ASN A 89 22.79 7.26 5.87
CA ASN A 89 24.05 7.22 6.54
C ASN A 89 24.27 5.98 7.44
N ILE A 90 23.97 4.80 6.91
CA ILE A 90 23.94 3.59 7.66
C ILE A 90 25.40 3.19 7.92
N LYS A 91 25.70 2.90 9.18
CA LYS A 91 27.08 2.63 9.63
C LYS A 91 27.26 1.17 10.15
N ALA A 92 26.20 0.42 10.32
CA ALA A 92 26.34 -0.95 10.91
C ALA A 92 25.05 -1.66 10.51
N LEU A 93 25.10 -2.99 10.49
CA LEU A 93 23.98 -3.84 10.01
C LEU A 93 23.71 -4.84 11.12
N PRO A 94 22.43 -4.98 11.58
CA PRO A 94 21.30 -4.21 11.09
C PRO A 94 21.25 -2.85 11.75
N THR A 95 20.55 -1.93 11.11
CA THR A 95 20.19 -0.64 11.74
C THR A 95 18.65 -0.47 11.62
N PHE A 96 18.04 -0.07 12.73
CA PHE A 96 16.61 0.20 12.82
C PHE A 96 16.39 1.71 12.92
N GLU A 97 15.58 2.27 12.03
CA GLU A 97 15.11 3.70 12.14
C GLU A 97 13.66 3.77 12.51
N PHE A 98 13.38 4.51 13.57
CA PHE A 98 12.02 4.67 14.09
C PHE A 98 11.56 6.05 13.69
N TYR A 99 10.46 6.08 12.93
CA TYR A 99 9.83 7.34 12.44
C TYR A 99 8.46 7.49 13.08
N PHE A 100 8.08 8.76 13.29
CA PHE A 100 6.77 9.10 13.83
C PHE A 100 6.33 10.36 13.12
N ASN A 101 5.07 10.35 12.78
CA ASN A 101 4.40 11.49 12.19
C ASN A 101 3.94 12.43 13.28
N LEU A 102 4.57 13.61 13.29
CA LEU A 102 4.35 14.60 14.30
C LEU A 102 4.10 15.91 13.56
N ASN A 103 2.98 16.54 13.88
CA ASN A 103 2.61 17.81 13.26
C ASN A 103 2.61 17.74 11.72
N ASN A 104 2.02 16.68 11.16
CA ASN A 104 1.95 16.44 9.70
C ASN A 104 3.35 16.31 9.03
N GLU A 105 4.37 15.89 9.77
CA GLU A 105 5.70 15.68 9.14
C GLU A 105 6.28 14.43 9.70
N TRP A 106 7.04 13.70 8.89
CA TRP A 106 7.75 12.52 9.40
C TRP A 106 8.99 12.92 10.14
N VAL A 107 9.18 12.38 11.32
CA VAL A 107 10.34 12.74 12.12
C VAL A 107 11.03 11.45 12.46
N LEU A 108 12.35 11.40 12.22
CA LEU A 108 13.22 10.30 12.73
C LEU A 108 13.43 10.51 14.24
N VAL A 109 12.81 9.64 15.05
CA VAL A 109 12.78 9.82 16.49
C VAL A 109 13.80 8.95 17.27
N HIS A 110 14.30 7.86 16.69
CA HIS A 110 15.37 7.03 17.29
C HIS A 110 16.00 6.09 16.21
N THR A 111 17.27 5.75 16.42
CA THR A 111 17.98 4.74 15.65
C THR A 111 18.62 3.72 16.62
N VAL A 112 18.57 2.44 16.24
CA VAL A 112 19.23 1.37 17.01
C VAL A 112 20.14 0.63 16.05
N GLU A 113 21.39 0.42 16.43
CA GLU A 113 22.29 -0.42 15.64
C GLU A 113 22.51 -1.74 16.35
N GLY A 114 22.60 -2.83 15.56
CA GLY A 114 22.81 -4.13 16.12
C GLY A 114 21.54 -4.93 16.26
N ALA A 115 21.69 -6.17 16.72
CA ALA A 115 20.63 -7.17 16.72
C ALA A 115 20.31 -7.63 18.15
N ASN A 116 20.63 -6.82 19.14
CA ASN A 116 20.25 -7.15 20.50
C ASN A 116 18.71 -6.97 20.62
N GLN A 117 17.99 -8.10 20.69
CA GLN A 117 16.50 -8.06 20.69
C GLN A 117 15.95 -7.35 21.91
N ASN A 118 16.59 -7.51 23.07
CA ASN A 118 16.16 -6.70 24.23
C ASN A 118 16.14 -5.17 23.99
N ASP A 119 17.17 -4.65 23.31
CA ASP A 119 17.31 -3.22 23.01
C ASP A 119 16.35 -2.75 21.93
N ILE A 120 16.22 -3.58 20.90
CA ILE A 120 15.25 -3.25 19.90
C ILE A 120 13.85 -3.20 20.51
N GLU A 121 13.53 -4.11 21.45
CA GLU A 121 12.15 -4.18 22.00
C GLU A 121 11.86 -2.95 22.87
N LYS A 122 12.87 -2.52 23.63
CA LYS A 122 12.79 -1.28 24.40
C LYS A 122 12.47 -0.09 23.47
N ALA A 123 13.14 -0.03 22.32
CA ALA A 123 12.85 1.02 21.34
C ALA A 123 11.40 0.94 20.83
N PHE A 124 10.92 -0.24 20.48
CA PHE A 124 9.54 -0.37 20.01
C PHE A 124 8.56 0.12 21.11
N GLN A 125 8.86 -0.25 22.34
CA GLN A 125 8.05 0.13 23.48
C GLN A 125 8.04 1.65 23.70
N LYS A 126 9.19 2.30 23.42
CA LYS A 126 9.31 3.75 23.63
C LYS A 126 8.75 4.56 22.44
N TYR A 127 9.00 4.06 21.22
CA TYR A 127 8.85 4.88 19.98
C TYR A 127 7.76 4.42 18.99
N CYS A 128 7.18 3.26 19.30
CA CYS A 128 6.10 2.70 18.54
C CYS A 128 4.80 2.61 19.39
N LEU A 129 3.72 2.07 18.81
CA LEU A 129 2.38 2.11 19.45
C LEU A 129 1.90 0.68 19.57
N GLU A 130 1.93 0.18 20.80
CA GLU A 130 1.60 -1.21 21.12
C GLU A 130 0.09 -1.52 20.94
N LYS A 131 -0.24 -2.69 20.39
CA LYS A 131 -1.66 -3.12 20.21
C LYS A 131 -2.40 -3.50 21.49
N SER B 9 -5.24 -11.44 9.09
CA SER B 9 -3.92 -11.48 8.42
C SER B 9 -4.21 -11.61 6.95
N GLY B 10 -3.37 -11.00 6.10
CA GLY B 10 -3.67 -10.92 4.63
C GLY B 10 -2.50 -10.38 3.82
N ARG B 11 -2.58 -10.42 2.49
CA ARG B 11 -1.54 -9.97 1.58
C ARG B 11 -2.17 -9.24 0.40
N GLU B 12 -1.54 -8.17 -0.08
CA GLU B 12 -1.93 -7.53 -1.33
C GLU B 12 -0.73 -7.18 -2.19
N ASN B 13 -0.89 -7.19 -3.51
CA ASN B 13 0.22 -6.86 -4.46
C ASN B 13 -0.10 -5.55 -5.17
N LEU B 14 0.74 -4.56 -4.99
CA LEU B 14 0.44 -3.25 -5.59
C LEU B 14 1.34 -3.07 -6.80
N TYR B 15 0.80 -2.50 -7.87
CA TYR B 15 1.59 -2.14 -9.06
C TYR B 15 1.55 -0.61 -9.08
N PHE B 16 2.74 0.02 -9.09
CA PHE B 16 2.86 1.47 -9.09
C PHE B 16 3.32 1.94 -10.49
N GLN B 17 2.73 3.02 -10.95
CA GLN B 17 3.28 3.79 -12.06
C GLN B 17 3.35 5.23 -11.52
N GLY B 18 4.54 5.65 -11.10
CA GLY B 18 4.69 6.82 -10.20
C GLY B 18 3.88 6.64 -8.91
N GLN B 19 3.00 7.61 -8.61
CA GLN B 19 2.12 7.52 -7.46
C GLN B 19 0.77 6.81 -7.74
N SER B 20 0.47 6.52 -9.00
CA SER B 20 -0.75 5.79 -9.32
C SER B 20 -0.56 4.33 -8.97
N ILE B 21 -1.61 3.69 -8.53
CA ILE B 21 -1.62 2.33 -8.02
C ILE B 21 -2.69 1.45 -8.67
N TYR B 22 -2.36 0.20 -8.99
CA TYR B 22 -3.35 -0.81 -9.34
C TYR B 22 -3.28 -2.01 -8.37
N ILE B 23 -4.44 -2.50 -7.89
CA ILE B 23 -4.48 -3.68 -7.04
C ILE B 23 -5.66 -4.56 -7.56
N GLU B 24 -5.41 -5.83 -7.74
CA GLU B 24 -6.47 -6.80 -7.89
C GLU B 24 -6.70 -7.29 -6.45
N LEU B 25 -7.86 -6.93 -5.87
CA LEU B 25 -8.08 -7.09 -4.45
C LEU B 25 -8.11 -8.57 -4.00
N LYS B 26 -7.32 -8.92 -2.99
CA LYS B 26 -7.28 -10.33 -2.56
C LYS B 26 -8.18 -10.53 -1.39
N ASN B 27 -8.25 -9.53 -0.54
CA ASN B 27 -8.92 -9.66 0.76
C ASN B 27 -9.92 -8.54 0.91
N THR B 28 -11.18 -8.89 1.09
CA THR B 28 -12.19 -7.89 1.25
C THR B 28 -11.82 -6.77 2.23
N GLY B 29 -11.22 -7.13 3.39
CA GLY B 29 -10.94 -6.16 4.45
C GLY B 29 -9.87 -5.15 4.10
N SER B 30 -9.12 -5.44 3.03
CA SER B 30 -8.04 -4.57 2.58
C SER B 30 -8.60 -3.30 1.91
N LEU B 31 -9.85 -3.36 1.44
CA LEU B 31 -10.45 -2.19 0.75
C LEU B 31 -10.50 -0.93 1.66
N ASN B 32 -10.97 -1.13 2.88
CA ASN B 32 -10.96 -0.10 3.88
C ASN B 32 -9.55 0.45 4.05
N GLN B 33 -8.56 -0.44 4.03
CA GLN B 33 -7.16 0.00 4.17
C GLN B 33 -6.68 0.85 2.98
N VAL B 34 -7.07 0.46 1.75
CA VAL B 34 -6.75 1.23 0.54
C VAL B 34 -7.27 2.70 0.67
N PHE B 35 -8.49 2.83 1.21
CA PHE B 35 -9.15 4.14 1.36
C PHE B 35 -8.55 5.00 2.46
N SER B 36 -7.82 4.35 3.36
CA SER B 36 -7.12 5.04 4.45
CA SER B 36 -7.07 5.00 4.46
C SER B 36 -5.88 5.77 3.95
N SER B 37 -5.44 5.48 2.70
CA SER B 37 -4.67 6.51 1.94
C SER B 37 -5.54 7.46 1.04
N GLN B 39 -3.48 9.77 -0.73
CA GLN B 39 -2.45 10.43 -1.53
C GLN B 39 -2.85 10.47 -3.02
N ASN B 40 -3.78 9.61 -3.41
CA ASN B 40 -4.51 9.87 -4.63
C ASN B 40 -5.87 10.35 -4.22
N SER B 41 -6.29 11.50 -4.74
CA SER B 41 -7.64 12.02 -4.44
C SER B 41 -8.71 11.14 -5.12
N SER B 42 -8.33 10.46 -6.22
CA SER B 42 -9.22 9.62 -6.98
C SER B 42 -8.90 8.11 -6.77
N ILE B 43 -9.92 7.37 -6.36
CA ILE B 43 -9.94 5.92 -6.38
C ILE B 43 -11.07 5.53 -7.29
N VAL B 44 -10.79 4.63 -8.24
CA VAL B 44 -11.81 4.02 -9.10
C VAL B 44 -11.83 2.49 -8.89
N ILE B 45 -13.00 1.93 -8.62
CA ILE B 45 -13.15 0.47 -8.39
C ILE B 45 -13.91 -0.07 -9.59
N LYS B 46 -13.44 -1.21 -10.11
CA LYS B 46 -14.12 -1.95 -11.19
C LYS B 46 -14.57 -3.28 -10.52
N PHE B 47 -15.88 -3.55 -10.59
CA PHE B 47 -16.46 -4.81 -10.14
C PHE B 47 -16.62 -5.65 -11.43
N GLY B 48 -16.00 -6.83 -11.46
CA GLY B 48 -16.22 -7.77 -12.59
C GLY B 48 -16.17 -9.22 -12.11
N ALA B 49 -16.11 -10.14 -13.06
CA ALA B 49 -16.07 -11.55 -12.81
C ALA B 49 -15.26 -12.21 -13.95
N VAL B 50 -14.59 -13.32 -13.59
CA VAL B 50 -13.72 -14.12 -14.50
C VAL B 50 -14.51 -14.60 -15.76
N TRP B 51 -15.79 -14.97 -15.54
CA TRP B 51 -16.61 -15.62 -16.61
C TRP B 51 -17.29 -14.54 -17.49
N CYS B 52 -17.25 -13.29 -17.04
CA CYS B 52 -17.94 -12.21 -17.66
C CYS B 52 -17.14 -11.73 -18.85
N LYS B 53 -17.71 -11.84 -20.04
CA LYS B 53 -17.05 -11.39 -21.27
C LYS B 53 -16.81 -9.84 -21.35
N PRO B 54 -17.87 -9.00 -21.18
CA PRO B 54 -17.52 -7.57 -21.24
C PRO B 54 -16.56 -7.12 -20.11
N CYS B 55 -16.56 -7.80 -18.95
CA CYS B 55 -15.58 -7.47 -17.89
C CYS B 55 -14.15 -7.74 -18.40
N ASN B 56 -13.96 -8.83 -19.11
CA ASN B 56 -12.65 -9.17 -19.64
C ASN B 56 -12.26 -8.24 -20.78
N LYS B 57 -13.25 -7.75 -21.53
CA LYS B 57 -12.98 -6.87 -22.64
C LYS B 57 -12.33 -5.52 -22.31
N ILE B 58 -12.48 -5.05 -21.05
CA ILE B 58 -11.97 -3.77 -20.61
C ILE B 58 -10.99 -3.95 -19.48
N LYS B 59 -10.63 -5.21 -19.11
CA LYS B 59 -9.73 -5.43 -17.99
C LYS B 59 -8.36 -4.72 -18.19
N GLU B 60 -7.81 -4.77 -19.44
CA GLU B 60 -6.47 -4.26 -19.71
C GLU B 60 -6.55 -2.73 -19.79
N TYR B 61 -7.59 -2.24 -20.47
CA TYR B 61 -7.78 -0.80 -20.58
C TYR B 61 -7.87 -0.22 -19.13
N PHE B 62 -8.63 -0.88 -18.25
CA PHE B 62 -8.74 -0.40 -16.85
C PHE B 62 -7.39 -0.39 -16.12
N LYS B 63 -6.64 -1.50 -16.13
CA LYS B 63 -5.38 -1.50 -15.42
C LYS B 63 -4.38 -0.51 -16.06
N ASN B 64 -4.42 -0.24 -17.38
CA ASN B 64 -3.44 0.71 -17.98
C ASN B 64 -3.72 2.19 -17.68
N GLN B 65 -4.79 2.48 -16.97
CA GLN B 65 -5.16 3.87 -16.63
C GLN B 65 -4.16 4.45 -15.66
N LEU B 66 -3.33 3.65 -15.00
CA LEU B 66 -2.33 4.29 -14.13
C LEU B 66 -1.21 5.01 -14.89
N ASN B 67 -1.14 4.78 -16.20
CA ASN B 67 -0.22 5.46 -17.09
C ASN B 67 -0.67 6.86 -17.45
N TYR B 68 -1.99 7.08 -17.34
CA TYR B 68 -2.63 8.29 -17.87
C TYR B 68 -3.28 9.17 -16.82
N TYR B 69 -3.50 8.63 -15.62
CA TYR B 69 -4.19 9.37 -14.53
C TYR B 69 -3.40 9.16 -13.25
N TYR B 70 -3.48 10.16 -12.36
CA TYR B 70 -3.18 10.01 -10.95
C TYR B 70 -4.41 9.34 -10.28
N VAL B 71 -4.29 8.06 -9.96
CA VAL B 71 -5.45 7.28 -9.50
C VAL B 71 -4.97 6.02 -8.79
N THR B 72 -5.79 5.56 -7.83
CA THR B 72 -5.61 4.23 -7.26
C THR B 72 -6.76 3.41 -7.80
N LEU B 73 -6.40 2.35 -8.55
CA LEU B 73 -7.38 1.51 -9.26
C LEU B 73 -7.49 0.19 -8.52
N VAL B 74 -8.71 -0.15 -8.15
CA VAL B 74 -8.97 -1.40 -7.42
C VAL B 74 -9.90 -2.30 -8.28
N ASP B 75 -9.42 -3.48 -8.47
CA ASP B 75 -10.12 -4.50 -9.25
C ASP B 75 -10.73 -5.51 -8.32
N ILE B 76 -12.06 -5.65 -8.37
CA ILE B 76 -12.79 -6.57 -7.51
C ILE B 76 -13.56 -7.63 -8.29
N ASP B 77 -13.16 -8.90 -8.14
CA ASP B 77 -13.90 -10.03 -8.60
C ASP B 77 -15.07 -10.21 -7.62
N VAL B 78 -16.29 -10.09 -8.12
CA VAL B 78 -17.43 -10.11 -7.23
C VAL B 78 -17.69 -11.53 -6.69
N ASP B 79 -17.07 -12.56 -7.28
CA ASP B 79 -17.30 -13.94 -6.81
C ASP B 79 -16.28 -14.26 -5.69
N ILE B 80 -15.21 -13.49 -5.59
CA ILE B 80 -14.30 -13.55 -4.41
C ILE B 80 -14.80 -12.68 -3.28
N HIS B 81 -15.44 -11.56 -3.61
CA HIS B 81 -15.89 -10.54 -2.64
C HIS B 81 -17.43 -10.32 -2.74
N PRO B 82 -18.25 -11.37 -2.49
CA PRO B 82 -19.67 -11.20 -2.62
C PRO B 82 -20.24 -10.18 -1.60
N LYS B 83 -19.64 -10.03 -0.41
CA LYS B 83 -20.08 -9.02 0.55
C LYS B 83 -19.96 -7.61 -0.02
N LEU B 84 -18.82 -7.29 -0.64
CA LEU B 84 -18.66 -6.01 -1.33
C LEU B 84 -19.59 -5.85 -2.52
N ASN B 85 -19.73 -6.90 -3.32
CA ASN B 85 -20.78 -6.84 -4.37
C ASN B 85 -22.15 -6.39 -3.80
N ASP B 86 -22.59 -6.98 -2.68
CA ASP B 86 -23.95 -6.73 -2.15
C ASP B 86 -24.01 -5.35 -1.47
N GLN B 87 -22.99 -5.01 -0.66
CA GLN B 87 -22.90 -3.73 0.07
C GLN B 87 -22.91 -2.53 -0.89
N HIS B 88 -22.26 -2.68 -2.04
CA HIS B 88 -22.19 -1.64 -3.11
C HIS B 88 -23.35 -1.74 -4.12
N ASN B 89 -24.32 -2.61 -3.86
CA ASN B 89 -25.51 -2.75 -4.73
C ASN B 89 -25.23 -2.88 -6.23
N ILE B 90 -24.30 -3.75 -6.60
CA ILE B 90 -23.89 -3.94 -7.95
C ILE B 90 -24.99 -4.70 -8.71
N LYS B 91 -25.34 -4.16 -9.88
CA LYS B 91 -26.49 -4.66 -10.66
C LYS B 91 -26.11 -5.23 -12.04
N ALA B 92 -24.89 -4.97 -12.46
CA ALA B 92 -24.45 -5.34 -13.83
C ALA B 92 -22.98 -5.42 -13.75
N LEU B 93 -22.40 -6.15 -14.69
CA LEU B 93 -20.92 -6.35 -14.71
C LEU B 93 -20.39 -6.03 -16.12
N PRO B 94 -19.33 -5.21 -16.25
CA PRO B 94 -18.66 -4.52 -15.14
C PRO B 94 -19.43 -3.33 -14.67
N THR B 95 -19.12 -2.95 -13.44
CA THR B 95 -19.49 -1.64 -12.89
C THR B 95 -18.20 -0.92 -12.39
N PHE B 96 -18.13 0.39 -12.70
CA PHE B 96 -17.04 1.23 -12.22
C PHE B 96 -17.57 2.22 -11.22
N GLU B 97 -16.98 2.29 -10.03
CA GLU B 97 -17.29 3.38 -9.08
C GLU B 97 -16.12 4.34 -8.97
N PHE B 98 -16.42 5.63 -9.13
CA PHE B 98 -15.43 6.69 -9.11
C PHE B 98 -15.63 7.38 -7.80
N TYR B 99 -14.58 7.37 -6.99
CA TYR B 99 -14.55 8.05 -5.69
C TYR B 99 -13.62 9.22 -5.74
N PHE B 100 -13.93 10.25 -4.95
CA PHE B 100 -13.07 11.41 -4.83
C PHE B 100 -13.09 11.83 -3.38
N ASN B 101 -11.91 12.15 -2.90
CA ASN B 101 -11.77 12.67 -1.54
C ASN B 101 -12.05 14.19 -1.49
N LEU B 102 -13.16 14.56 -0.82
CA LEU B 102 -13.64 15.90 -0.78
C LEU B 102 -13.88 16.24 0.68
N ASN B 103 -13.24 17.31 1.14
CA ASN B 103 -13.40 17.76 2.51
C ASN B 103 -13.04 16.65 3.55
N ASN B 104 -11.94 15.93 3.31
CA ASN B 104 -11.44 14.86 4.22
C ASN B 104 -12.42 13.69 4.29
N GLU B 105 -13.21 13.47 3.25
CA GLU B 105 -13.97 12.22 3.20
C GLU B 105 -14.16 11.70 1.77
N TRP B 106 -14.43 10.42 1.68
CA TRP B 106 -14.52 9.74 0.40
C TRP B 106 -15.94 9.85 -0.04
N VAL B 107 -16.12 10.31 -1.27
CA VAL B 107 -17.47 10.48 -1.80
C VAL B 107 -17.54 9.66 -3.06
N LEU B 108 -18.61 8.90 -3.20
CA LEU B 108 -18.94 8.26 -4.51
C LEU B 108 -19.49 9.32 -5.45
N VAL B 109 -18.70 9.69 -6.45
CA VAL B 109 -19.06 10.78 -7.31
C VAL B 109 -19.69 10.35 -8.65
N HIS B 110 -19.55 9.09 -9.07
CA HIS B 110 -20.17 8.60 -10.33
C HIS B 110 -20.08 7.10 -10.42
N THR B 111 -21.05 6.51 -11.13
CA THR B 111 -21.00 5.06 -11.41
C THR B 111 -21.32 4.85 -12.89
N VAL B 112 -20.53 3.98 -13.52
CA VAL B 112 -20.76 3.49 -14.88
C VAL B 112 -20.98 1.99 -14.91
N GLU B 113 -21.99 1.53 -15.63
CA GLU B 113 -22.23 0.11 -15.85
C GLU B 113 -21.92 -0.22 -17.30
N GLY B 114 -21.34 -1.39 -17.54
CA GLY B 114 -21.01 -1.78 -18.92
C GLY B 114 -19.57 -1.53 -19.30
N ALA B 115 -19.21 -1.99 -20.51
CA ALA B 115 -17.86 -2.03 -20.96
C ALA B 115 -17.69 -1.16 -22.20
N ASN B 116 -18.56 -0.17 -22.39
CA ASN B 116 -18.37 0.76 -23.49
C ASN B 116 -17.16 1.65 -23.12
N GLN B 117 -16.07 1.49 -23.84
CA GLN B 117 -14.82 2.14 -23.45
C GLN B 117 -14.91 3.66 -23.60
N ASN B 118 -15.65 4.12 -24.60
CA ASN B 118 -15.85 5.56 -24.78
C ASN B 118 -16.49 6.25 -23.59
N ASP B 119 -17.50 5.60 -23.01
CA ASP B 119 -18.21 6.07 -21.82
C ASP B 119 -17.37 6.02 -20.56
N ILE B 120 -16.59 4.95 -20.40
CA ILE B 120 -15.71 4.85 -19.22
C ILE B 120 -14.66 5.97 -19.26
N GLU B 121 -14.19 6.28 -20.45
CA GLU B 121 -13.11 7.25 -20.63
C GLU B 121 -13.63 8.69 -20.38
N LYS B 122 -14.84 8.98 -20.88
CA LYS B 122 -15.54 10.21 -20.52
C LYS B 122 -15.69 10.38 -19.02
N ALA B 123 -16.00 9.30 -18.30
CA ALA B 123 -16.04 9.35 -16.85
C ALA B 123 -14.67 9.62 -16.23
N PHE B 124 -13.61 8.99 -16.71
CA PHE B 124 -12.27 9.25 -16.18
C PHE B 124 -11.88 10.74 -16.41
N GLN B 125 -12.20 11.25 -17.60
CA GLN B 125 -11.96 12.68 -17.90
C GLN B 125 -12.74 13.65 -17.00
N LYS B 126 -13.95 13.28 -16.62
CA LYS B 126 -14.79 14.14 -15.71
C LYS B 126 -14.42 13.99 -14.21
N TYR B 127 -14.13 12.77 -13.77
CA TYR B 127 -14.11 12.45 -12.32
C TYR B 127 -12.74 12.00 -11.81
N CYS B 128 -11.77 11.83 -12.71
CA CYS B 128 -10.42 11.46 -12.33
C CYS B 128 -9.43 12.60 -12.65
N LEU B 129 -8.14 12.41 -12.34
CA LEU B 129 -7.13 13.44 -12.57
C LEU B 129 -6.08 13.02 -13.60
N GLU B 130 -6.08 13.69 -14.74
CA GLU B 130 -5.23 13.33 -15.85
C GLU B 130 -3.77 13.63 -15.53
N LYS B 131 -2.85 12.74 -15.92
CA LYS B 131 -1.40 13.12 -15.91
C LYS B 131 -0.96 14.17 -16.93
#